data_8D0E
#
_entry.id   8D0E
#
_cell.length_a   32.927
_cell.length_b   87.232
_cell.length_c   116.634
_cell.angle_alpha   90.000
_cell.angle_beta   90.000
_cell.angle_gamma   90.000
#
_symmetry.space_group_name_H-M   'P 2 21 21'
#
loop_
_entity.id
_entity.type
_entity.pdbx_description
1 polymer 'NAD(+) hydrolase SARM1'
2 non-polymer 3-(4-chlorophenyl)-N-[4-methyl-3-(pyridin-4-yl)-1H-pyrazol-5-yl]propanamide
3 water water
#
_entity_poly.entity_id   1
_entity_poly.type   'polypeptide(L)'
_entity_poly.pdbx_seq_one_letter_code
;SGDTPDVFISYRRNSGSQLASLLKVHLQLHGFSVFIDVEKLEAGKFEDKLIQSVMGARNFVLVLSPGALDKCMQDHDCKD
WVHKEIVTALSCGKNIVPIIDGFEWPEPQVLPEDMQAVLTFNGIKWSHEYQEATIEKIIRFLQ
;
_entity_poly.pdbx_strand_id   A,B
#
# COMPACT_ATOMS: atom_id res chain seq x y z
N THR A 4 13.97 -9.84 19.74
CA THR A 4 13.18 -10.63 18.81
C THR A 4 11.77 -10.03 18.59
N PRO A 5 11.43 -9.77 17.33
CA PRO A 5 10.15 -9.11 17.04
C PRO A 5 8.93 -9.96 17.40
N ASP A 6 7.83 -9.27 17.74
CA ASP A 6 6.55 -9.88 18.09
C ASP A 6 5.74 -10.34 16.88
N VAL A 7 5.96 -9.73 15.73
CA VAL A 7 5.08 -9.88 14.57
C VAL A 7 5.95 -10.10 13.34
N PHE A 8 5.67 -11.17 12.59
CA PHE A 8 6.30 -11.43 11.30
C PHE A 8 5.26 -11.17 10.21
N ILE A 9 5.62 -10.36 9.23
CA ILE A 9 4.72 -10.03 8.12
C ILE A 9 5.19 -10.79 6.89
N SER A 10 4.37 -11.73 6.44
CA SER A 10 4.65 -12.50 5.23
C SER A 10 3.75 -11.96 4.12
N TYR A 11 4.34 -11.72 2.95
CA TYR A 11 3.59 -11.08 1.87
C TYR A 11 4.22 -11.45 0.53
N ARG A 12 3.44 -11.26 -0.53
CA ARG A 12 3.90 -11.52 -1.89
C ARG A 12 4.45 -10.21 -2.45
N ARG A 13 5.73 -10.21 -2.86
CA ARG A 13 6.34 -8.92 -3.16
C ARG A 13 5.67 -8.21 -4.33
N ASN A 14 5.33 -8.94 -5.40
CA ASN A 14 4.82 -8.26 -6.59
C ASN A 14 3.44 -7.63 -6.41
N SER A 15 2.71 -7.96 -5.33
CA SER A 15 1.34 -7.49 -5.19
C SER A 15 0.98 -6.97 -3.80
N GLY A 16 1.62 -7.44 -2.73
CA GLY A 16 1.26 -7.00 -1.38
C GLY A 16 2.25 -6.10 -0.70
N SER A 17 3.26 -5.60 -1.40
N SER A 17 3.25 -5.58 -1.40
CA SER A 17 4.32 -4.82 -0.76
CA SER A 17 4.31 -4.84 -0.73
C SER A 17 3.77 -3.59 -0.06
C SER A 17 3.80 -3.56 -0.08
N GLN A 18 2.84 -2.88 -0.71
CA GLN A 18 2.35 -1.64 -0.13
C GLN A 18 1.54 -1.91 1.13
N LEU A 19 0.64 -2.88 1.08
CA LEU A 19 -0.14 -3.17 2.28
C LEU A 19 0.75 -3.70 3.39
N ALA A 20 1.72 -4.58 3.05
CA ALA A 20 2.62 -5.09 4.09
C ALA A 20 3.36 -3.97 4.78
N SER A 21 3.78 -2.96 4.01
CA SER A 21 4.48 -1.80 4.56
C SER A 21 3.56 -0.97 5.44
N LEU A 22 2.32 -0.78 5.00
CA LEU A 22 1.35 -0.01 5.77
C LEU A 22 1.05 -0.70 7.10
N LEU A 23 0.88 -2.01 7.07
CA LEU A 23 0.70 -2.77 8.30
C LEU A 23 1.88 -2.59 9.24
N LYS A 24 3.11 -2.62 8.70
CA LYS A 24 4.29 -2.45 9.55
C LYS A 24 4.27 -1.11 10.27
N VAL A 25 4.00 -0.01 9.55
CA VAL A 25 3.97 1.30 10.17
C VAL A 25 2.97 1.32 11.32
N HIS A 26 1.72 0.93 11.03
CA HIS A 26 0.65 0.97 12.04
C HIS A 26 0.95 0.09 13.24
N LEU A 27 1.48 -1.11 13.01
CA LEU A 27 1.75 -1.98 14.15
C LEU A 27 2.88 -1.42 15.01
N GLN A 28 3.91 -0.84 14.38
CA GLN A 28 4.98 -0.23 15.16
C GLN A 28 4.46 0.96 15.96
N LEU A 29 3.55 1.76 15.37
CA LEU A 29 3.03 2.91 16.09
C LEU A 29 2.28 2.47 17.34
N HIS A 30 1.73 1.25 17.33
CA HIS A 30 1.02 0.72 18.48
C HIS A 30 1.92 -0.13 19.37
N GLY A 31 3.24 -0.05 19.20
CA GLY A 31 4.15 -0.63 20.15
C GLY A 31 4.61 -2.04 19.87
N PHE A 32 4.25 -2.61 18.72
CA PHE A 32 4.69 -3.96 18.38
C PHE A 32 6.04 -3.91 17.70
N SER A 33 6.85 -4.94 17.95
N SER A 33 6.85 -4.95 17.94
CA SER A 33 8.09 -5.13 17.20
CA SER A 33 8.09 -5.13 17.20
C SER A 33 7.76 -6.00 15.99
C SER A 33 7.79 -6.01 15.99
N VAL A 34 8.07 -5.48 14.80
CA VAL A 34 7.64 -6.09 13.54
C VAL A 34 8.86 -6.50 12.74
N PHE A 35 8.85 -7.73 12.24
CA PHE A 35 9.77 -8.16 11.19
C PHE A 35 9.08 -8.05 9.84
N ILE A 36 9.63 -7.23 8.96
CA ILE A 36 9.34 -7.28 7.53
C ILE A 36 10.70 -7.29 6.83
N ASP A 37 10.82 -8.10 5.77
CA ASP A 37 12.14 -8.38 5.21
C ASP A 37 12.89 -7.09 4.85
N VAL A 38 12.21 -6.13 4.23
CA VAL A 38 12.94 -4.94 3.76
C VAL A 38 13.51 -4.11 4.90
N GLU A 39 13.02 -4.28 6.13
CA GLU A 39 13.61 -3.53 7.23
C GLU A 39 14.51 -4.36 8.13
N LYS A 40 14.32 -5.68 8.24
CA LYS A 40 15.06 -6.43 9.24
C LYS A 40 15.77 -7.67 8.71
N LEU A 41 15.59 -8.06 7.45
CA LEU A 41 16.43 -9.09 6.87
C LEU A 41 17.79 -8.49 6.57
N GLU A 42 18.82 -8.92 7.28
CA GLU A 42 20.11 -8.26 7.08
C GLU A 42 21.09 -9.24 6.46
N ALA A 43 22.34 -9.25 6.91
CA ALA A 43 23.37 -10.02 6.21
C ALA A 43 23.27 -11.49 6.54
N GLY A 44 23.68 -12.32 5.61
CA GLY A 44 23.82 -13.75 5.85
C GLY A 44 22.92 -14.56 4.93
N LYS A 45 22.87 -15.85 5.20
CA LYS A 45 22.04 -16.72 4.37
C LYS A 45 20.58 -16.47 4.70
N PHE A 46 19.85 -15.93 3.73
CA PHE A 46 18.50 -15.45 4.00
C PHE A 46 17.54 -16.60 4.30
N GLU A 47 17.80 -17.80 3.75
CA GLU A 47 16.93 -18.92 4.04
C GLU A 47 16.85 -19.17 5.54
N ASP A 48 18.02 -19.25 6.19
CA ASP A 48 18.04 -19.54 7.61
C ASP A 48 17.46 -18.37 8.41
N LYS A 49 17.78 -17.14 8.01
CA LYS A 49 17.30 -15.99 8.79
C LYS A 49 15.78 -15.85 8.69
N LEU A 50 15.20 -16.12 7.51
CA LEU A 50 13.76 -15.98 7.36
C LEU A 50 13.01 -17.01 8.18
N ILE A 51 13.50 -18.26 8.21
CA ILE A 51 12.86 -19.28 9.03
C ILE A 51 13.02 -18.94 10.51
N GLN A 52 14.22 -18.51 10.92
CA GLN A 52 14.44 -18.11 12.31
C GLN A 52 13.52 -16.97 12.72
N SER A 53 13.31 -16.01 11.82
CA SER A 53 12.46 -14.88 12.14
C SER A 53 11.01 -15.29 12.30
N VAL A 54 10.54 -16.21 11.45
CA VAL A 54 9.20 -16.75 11.63
C VAL A 54 9.10 -17.50 12.95
N MET A 55 10.10 -18.32 13.25
CA MET A 55 10.08 -19.10 14.49
C MET A 55 10.06 -18.21 15.72
N GLY A 56 10.67 -17.03 15.65
CA GLY A 56 10.81 -16.16 16.80
C GLY A 56 9.66 -15.22 17.08
N ALA A 57 8.74 -15.05 16.14
CA ALA A 57 7.63 -14.11 16.26
C ALA A 57 6.37 -14.84 16.71
N ARG A 58 5.77 -14.40 17.81
CA ARG A 58 4.53 -15.02 18.28
C ARG A 58 3.43 -14.89 17.23
N ASN A 59 3.37 -13.76 16.53
CA ASN A 59 2.31 -13.49 15.56
C ASN A 59 2.86 -13.57 14.13
N PHE A 60 2.07 -14.17 13.25
CA PHE A 60 2.40 -14.33 11.84
C PHE A 60 1.28 -13.66 11.03
N VAL A 61 1.54 -12.45 10.53
CA VAL A 61 0.56 -11.69 9.76
C VAL A 61 0.78 -12.03 8.30
N LEU A 62 -0.25 -12.60 7.65
CA LEU A 62 -0.16 -13.09 6.27
C LEU A 62 -0.97 -12.17 5.35
N VAL A 63 -0.29 -11.46 4.47
CA VAL A 63 -0.94 -10.49 3.59
C VAL A 63 -1.41 -11.23 2.35
N LEU A 64 -2.72 -11.32 2.18
CA LEU A 64 -3.32 -12.03 1.07
C LEU A 64 -3.85 -10.99 0.08
N SER A 65 -2.97 -10.52 -0.79
CA SER A 65 -3.31 -9.70 -1.94
C SER A 65 -3.80 -10.61 -3.07
N PRO A 66 -4.42 -10.06 -4.11
CA PRO A 66 -4.90 -10.92 -5.20
C PRO A 66 -3.78 -11.79 -5.76
N GLY A 67 -4.05 -13.09 -5.89
CA GLY A 67 -3.08 -14.02 -6.40
C GLY A 67 -1.94 -14.37 -5.47
N ALA A 68 -2.01 -13.97 -4.19
CA ALA A 68 -0.83 -14.07 -3.32
C ALA A 68 -0.32 -15.50 -3.17
N LEU A 69 -1.17 -16.51 -3.34
CA LEU A 69 -0.72 -17.89 -3.16
C LEU A 69 -0.59 -18.66 -4.47
N ASP A 70 -0.68 -17.98 -5.62
CA ASP A 70 -0.56 -18.66 -6.90
C ASP A 70 0.76 -19.42 -7.01
N LYS A 71 1.87 -18.77 -6.62
CA LYS A 71 3.17 -19.43 -6.68
C LYS A 71 3.32 -20.56 -5.66
N CYS A 72 2.43 -20.65 -4.68
CA CYS A 72 2.43 -21.80 -3.79
C CYS A 72 1.88 -23.05 -4.45
N MET A 73 1.00 -22.90 -5.44
CA MET A 73 0.31 -24.05 -5.99
C MET A 73 1.31 -24.93 -6.75
N GLN A 74 1.23 -26.24 -6.51
CA GLN A 74 2.13 -27.24 -7.10
C GLN A 74 3.57 -27.09 -6.63
N ASP A 75 3.82 -26.23 -5.64
CA ASP A 75 5.16 -26.10 -5.08
C ASP A 75 5.39 -27.22 -4.06
N HIS A 76 5.40 -28.45 -4.57
CA HIS A 76 5.41 -29.58 -3.66
C HIS A 76 6.78 -29.84 -3.05
N ASP A 77 7.84 -29.31 -3.65
CA ASP A 77 9.15 -29.33 -3.01
C ASP A 77 9.37 -28.13 -2.10
N CYS A 78 8.39 -27.24 -2.01
CA CYS A 78 8.41 -26.14 -1.05
C CYS A 78 9.58 -25.20 -1.31
N LYS A 79 9.68 -24.70 -2.54
CA LYS A 79 10.70 -23.74 -2.92
C LYS A 79 10.20 -22.31 -2.87
N ASP A 80 8.89 -22.10 -2.80
CA ASP A 80 8.33 -20.76 -2.78
C ASP A 80 8.40 -20.17 -1.37
N TRP A 81 8.77 -18.90 -1.28
CA TRP A 81 9.12 -18.37 0.04
C TRP A 81 7.91 -18.08 0.89
N VAL A 82 6.78 -17.65 0.31
CA VAL A 82 5.57 -17.55 1.09
C VAL A 82 5.12 -18.93 1.57
N HIS A 83 5.20 -19.93 0.70
CA HIS A 83 4.89 -21.30 1.10
C HIS A 83 5.74 -21.74 2.29
N LYS A 84 7.05 -21.47 2.22
CA LYS A 84 7.95 -21.87 3.31
C LYS A 84 7.59 -21.15 4.60
N GLU A 85 7.33 -19.85 4.52
CA GLU A 85 7.01 -19.08 5.72
C GLU A 85 5.72 -19.57 6.36
N ILE A 86 4.72 -19.91 5.53
CA ILE A 86 3.45 -20.42 6.05
C ILE A 86 3.66 -21.77 6.74
N VAL A 87 4.43 -22.66 6.11
CA VAL A 87 4.66 -23.97 6.71
C VAL A 87 5.38 -23.84 8.05
N THR A 88 6.33 -22.90 8.13
CA THR A 88 7.05 -22.69 9.39
C THR A 88 6.11 -22.20 10.48
N ALA A 89 5.29 -21.18 10.16
CA ALA A 89 4.33 -20.66 11.12
C ALA A 89 3.34 -21.74 11.58
N LEU A 90 2.86 -22.55 10.64
CA LEU A 90 1.98 -23.67 10.99
C LEU A 90 2.69 -24.67 11.91
N SER A 91 3.92 -25.04 11.56
CA SER A 91 4.61 -26.09 12.32
CA SER A 91 4.61 -26.09 12.32
C SER A 91 4.97 -25.62 13.73
N CYS A 92 5.13 -24.31 13.93
CA CYS A 92 5.42 -23.75 15.24
C CYS A 92 4.19 -23.33 16.02
N GLY A 93 2.99 -23.56 15.48
CA GLY A 93 1.78 -23.13 16.16
C GLY A 93 1.72 -21.64 16.41
N LYS A 94 2.16 -20.84 15.45
CA LYS A 94 2.12 -19.40 15.61
C LYS A 94 0.68 -18.88 15.51
N ASN A 95 0.48 -17.67 16.01
CA ASN A 95 -0.83 -17.00 15.91
C ASN A 95 -0.92 -16.42 14.51
N ILE A 96 -1.53 -17.17 13.59
CA ILE A 96 -1.58 -16.77 12.19
C ILE A 96 -2.78 -15.85 11.97
N VAL A 97 -2.53 -14.67 11.40
CA VAL A 97 -3.56 -13.67 11.17
C VAL A 97 -3.55 -13.29 9.69
N PRO A 98 -4.40 -13.93 8.88
CA PRO A 98 -4.50 -13.54 7.46
C PRO A 98 -5.17 -12.19 7.31
N ILE A 99 -4.63 -11.38 6.39
CA ILE A 99 -5.21 -10.08 6.02
C ILE A 99 -5.64 -10.16 4.57
N ILE A 100 -6.95 -10.05 4.33
CA ILE A 100 -7.55 -10.28 3.02
C ILE A 100 -7.71 -8.94 2.32
N ASP A 101 -7.06 -8.76 1.17
CA ASP A 101 -7.18 -7.53 0.37
C ASP A 101 -7.47 -7.92 -1.07
N GLY A 102 -8.73 -8.19 -1.39
CA GLY A 102 -9.10 -8.53 -2.75
C GLY A 102 -8.67 -9.92 -3.18
N PHE A 103 -8.57 -10.84 -2.25
CA PHE A 103 -8.01 -12.17 -2.49
C PHE A 103 -9.16 -13.16 -2.61
N GLU A 104 -9.14 -13.96 -3.67
CA GLU A 104 -10.13 -15.02 -3.85
C GLU A 104 -9.67 -16.25 -3.07
N TRP A 105 -10.49 -16.73 -2.14
CA TRP A 105 -10.11 -17.88 -1.34
C TRP A 105 -9.97 -19.09 -2.25
N PRO A 106 -8.81 -19.74 -2.29
CA PRO A 106 -8.70 -20.97 -3.07
C PRO A 106 -9.34 -22.15 -2.35
N GLU A 107 -9.79 -23.12 -3.14
CA GLU A 107 -10.21 -24.38 -2.53
C GLU A 107 -8.99 -25.09 -1.97
N PRO A 108 -9.12 -25.78 -0.84
CA PRO A 108 -7.94 -26.36 -0.19
C PRO A 108 -7.13 -27.28 -1.09
N GLN A 109 -7.77 -28.05 -1.97
CA GLN A 109 -7.03 -29.06 -2.72
C GLN A 109 -6.12 -28.48 -3.80
N VAL A 110 -6.25 -27.19 -4.13
CA VAL A 110 -5.30 -26.61 -5.07
C VAL A 110 -3.99 -26.21 -4.41
N LEU A 111 -3.92 -26.24 -3.07
CA LEU A 111 -2.72 -25.89 -2.31
C LEU A 111 -1.99 -27.13 -1.84
N PRO A 112 -0.67 -27.05 -1.69
CA PRO A 112 0.07 -28.16 -1.09
C PRO A 112 -0.50 -28.52 0.26
N GLU A 113 -0.48 -29.83 0.56
CA GLU A 113 -1.12 -30.31 1.78
C GLU A 113 -0.48 -29.72 3.03
N ASP A 114 0.82 -29.39 2.98
CA ASP A 114 1.47 -28.90 4.18
C ASP A 114 1.12 -27.44 4.48
N MET A 115 0.34 -26.77 3.65
CA MET A 115 -0.14 -25.43 3.99
C MET A 115 -1.65 -25.28 3.91
N GLN A 116 -2.39 -26.34 3.59
CA GLN A 116 -3.83 -26.21 3.49
C GLN A 116 -4.46 -25.73 4.79
N ALA A 117 -3.85 -26.05 5.94
CA ALA A 117 -4.36 -25.59 7.23
C ALA A 117 -4.43 -24.08 7.34
N VAL A 118 -3.79 -23.33 6.44
CA VAL A 118 -3.83 -21.89 6.58
C VAL A 118 -5.26 -21.37 6.45
N LEU A 119 -6.10 -22.11 5.72
CA LEU A 119 -7.47 -21.70 5.47
C LEU A 119 -8.37 -21.89 6.68
N THR A 120 -7.89 -22.52 7.74
CA THR A 120 -8.67 -22.72 8.96
C THR A 120 -8.54 -21.56 9.96
N PHE A 121 -7.77 -20.53 9.64
CA PHE A 121 -7.52 -19.42 10.55
C PHE A 121 -8.41 -18.24 10.18
N ASN A 122 -9.00 -17.61 11.19
CA ASN A 122 -9.89 -16.48 10.95
C ASN A 122 -9.11 -15.31 10.39
N GLY A 123 -9.58 -14.76 9.26
CA GLY A 123 -8.92 -13.64 8.61
C GLY A 123 -9.60 -12.31 8.90
N ILE A 124 -8.88 -11.24 8.54
CA ILE A 124 -9.37 -9.88 8.67
C ILE A 124 -9.45 -9.27 7.28
N LYS A 125 -10.61 -8.70 6.94
CA LYS A 125 -10.78 -8.05 5.65
C LYS A 125 -10.23 -6.63 5.73
N TRP A 126 -9.27 -6.32 4.88
CA TRP A 126 -8.75 -4.97 4.81
C TRP A 126 -9.81 -4.07 4.20
N SER A 127 -10.17 -3.00 4.90
CA SER A 127 -11.15 -2.04 4.40
C SER A 127 -10.46 -0.72 4.10
N HIS A 128 -10.41 -0.35 2.82
CA HIS A 128 -9.84 0.93 2.42
C HIS A 128 -10.60 2.08 3.05
N GLU A 129 -11.93 1.95 3.17
CA GLU A 129 -12.73 3.04 3.73
C GLU A 129 -12.70 3.10 5.24
N TYR A 130 -12.43 1.98 5.92
CA TYR A 130 -12.37 1.95 7.38
C TYR A 130 -11.03 1.43 7.86
N GLN A 131 -9.95 2.14 7.56
CA GLN A 131 -8.63 1.58 7.84
C GLN A 131 -8.30 1.61 9.33
N GLU A 132 -8.67 2.70 10.03
CA GLU A 132 -8.38 2.74 11.45
C GLU A 132 -9.04 1.57 12.17
N ALA A 133 -10.27 1.25 11.78
CA ALA A 133 -11.00 0.15 12.40
C ALA A 133 -10.38 -1.20 12.02
N THR A 134 -9.87 -1.32 10.78
CA THR A 134 -9.20 -2.56 10.39
C THR A 134 -7.97 -2.77 11.26
N ILE A 135 -7.21 -1.70 11.48
CA ILE A 135 -5.99 -1.76 12.29
C ILE A 135 -6.35 -2.10 13.73
N GLU A 136 -7.42 -1.50 14.28
CA GLU A 136 -7.82 -1.85 15.64
C GLU A 136 -8.20 -3.34 15.74
N LYS A 137 -8.86 -3.88 14.71
CA LYS A 137 -9.19 -5.31 14.70
C LYS A 137 -7.91 -6.15 14.67
N ILE A 138 -6.96 -5.76 13.82
CA ILE A 138 -5.70 -6.51 13.75
C ILE A 138 -5.01 -6.52 15.12
N ILE A 139 -4.93 -5.36 15.77
CA ILE A 139 -4.31 -5.32 17.08
C ILE A 139 -5.06 -6.21 18.07
N ARG A 140 -6.39 -6.26 17.96
CA ARG A 140 -7.16 -7.20 18.79
C ARG A 140 -6.73 -8.64 18.56
N PHE A 141 -6.43 -9.02 17.31
CA PHE A 141 -6.04 -10.40 17.01
C PHE A 141 -4.62 -10.70 17.47
N LEU A 142 -3.76 -9.69 17.58
CA LEU A 142 -2.38 -9.98 17.96
C LEU A 142 -2.25 -10.33 19.44
N GLN A 143 -1.25 -11.13 19.75
CA GLN A 143 -0.96 -11.54 21.14
C GLN A 143 0.32 -10.90 21.66
N THR B 4 -7.07 24.20 7.04
CA THR B 4 -7.10 23.53 5.73
C THR B 4 -5.85 22.66 5.55
N PRO B 5 -6.04 21.48 4.94
CA PRO B 5 -4.90 20.61 4.66
C PRO B 5 -3.83 21.29 3.82
N ASP B 6 -2.57 20.96 4.16
CA ASP B 6 -1.40 21.33 3.36
C ASP B 6 -1.19 20.43 2.16
N VAL B 7 -1.71 19.20 2.18
CA VAL B 7 -1.40 18.19 1.17
C VAL B 7 -2.68 17.53 0.69
N PHE B 8 -2.87 17.51 -0.62
CA PHE B 8 -3.93 16.73 -1.26
C PHE B 8 -3.32 15.50 -1.94
N ILE B 9 -3.84 14.32 -1.64
CA ILE B 9 -3.36 13.09 -2.24
C ILE B 9 -4.36 12.65 -3.29
N SER B 10 -3.92 12.65 -4.56
CA SER B 10 -4.74 12.22 -5.68
C SER B 10 -4.24 10.85 -6.12
N TYR B 11 -5.16 9.90 -6.28
CA TYR B 11 -4.73 8.55 -6.56
C TYR B 11 -5.84 7.79 -7.28
N ARG B 12 -5.45 6.71 -7.95
CA ARG B 12 -6.37 5.87 -8.69
C ARG B 12 -6.84 4.75 -7.75
N ARG B 13 -8.14 4.71 -7.47
CA ARG B 13 -8.59 3.83 -6.39
C ARG B 13 -8.28 2.36 -6.66
N ASN B 14 -8.40 1.93 -7.90
CA ASN B 14 -8.26 0.50 -8.16
C ASN B 14 -6.82 0.01 -8.14
N SER B 15 -5.84 0.90 -8.02
CA SER B 15 -4.45 0.47 -8.03
C SER B 15 -3.54 1.23 -7.08
N GLY B 16 -3.90 2.42 -6.62
CA GLY B 16 -3.03 3.18 -5.74
C GLY B 16 -3.52 3.40 -4.33
N SER B 17 -4.58 2.71 -3.89
N SER B 17 -4.58 2.71 -3.89
CA SER B 17 -5.18 3.01 -2.59
CA SER B 17 -5.17 3.02 -2.60
C SER B 17 -4.19 2.74 -1.45
C SER B 17 -4.20 2.74 -1.45
N GLN B 18 -3.40 1.68 -1.56
CA GLN B 18 -2.51 1.31 -0.47
C GLN B 18 -1.34 2.28 -0.36
N LEU B 19 -0.73 2.63 -1.49
CA LEU B 19 0.36 3.60 -1.44
C LEU B 19 -0.15 4.97 -0.98
N ALA B 20 -1.32 5.40 -1.49
CA ALA B 20 -1.87 6.69 -1.06
C ALA B 20 -2.08 6.73 0.45
N SER B 21 -2.57 5.63 1.02
CA SER B 21 -2.78 5.52 2.46
C SER B 21 -1.47 5.55 3.23
N LEU B 22 -0.46 4.84 2.72
CA LEU B 22 0.86 4.86 3.35
C LEU B 22 1.47 6.26 3.34
N LEU B 23 1.32 6.98 2.23
CA LEU B 23 1.79 8.37 2.18
C LEU B 23 1.06 9.21 3.20
N LYS B 24 -0.25 9.00 3.34
CA LYS B 24 -1.00 9.79 4.30
C LYS B 24 -0.47 9.57 5.72
N VAL B 25 -0.21 8.32 6.08
CA VAL B 25 0.26 8.04 7.44
C VAL B 25 1.60 8.70 7.68
N HIS B 26 2.54 8.53 6.75
CA HIS B 26 3.88 9.09 6.92
C HIS B 26 3.86 10.61 6.97
N LEU B 27 3.09 11.24 6.09
CA LEU B 27 3.09 12.70 6.06
C LEU B 27 2.48 13.26 7.34
N GLN B 28 1.39 12.66 7.82
CA GLN B 28 0.82 13.05 9.10
C GLN B 28 1.81 12.87 10.24
N LEU B 29 2.64 11.83 10.18
CA LEU B 29 3.64 11.62 11.22
C LEU B 29 4.70 12.69 11.20
N HIS B 30 4.96 13.29 10.05
CA HIS B 30 5.94 14.37 9.96
C HIS B 30 5.26 15.73 10.07
N GLY B 31 4.03 15.78 10.56
CA GLY B 31 3.39 17.02 10.93
C GLY B 31 2.62 17.74 9.83
N PHE B 32 2.34 17.07 8.71
CA PHE B 32 1.54 17.70 7.67
C PHE B 32 0.07 17.36 7.86
N SER B 33 -0.78 18.33 7.54
N SER B 33 -0.79 18.32 7.53
CA SER B 33 -2.21 18.09 7.43
CA SER B 33 -2.22 18.06 7.47
C SER B 33 -2.52 17.58 6.03
C SER B 33 -2.55 17.60 6.05
N VAL B 34 -3.18 16.43 5.93
CA VAL B 34 -3.33 15.73 4.66
C VAL B 34 -4.81 15.54 4.36
N PHE B 35 -5.19 15.80 3.12
CA PHE B 35 -6.50 15.42 2.59
C PHE B 35 -6.35 14.15 1.74
N ILE B 36 -7.00 13.07 2.18
CA ILE B 36 -7.28 11.95 1.29
C ILE B 36 -8.78 11.67 1.39
N ASP B 37 -9.40 11.30 0.26
CA ASP B 37 -10.87 11.29 0.22
C ASP B 37 -11.46 10.40 1.33
N VAL B 38 -10.94 9.18 1.51
CA VAL B 38 -11.60 8.27 2.45
C VAL B 38 -11.52 8.76 3.90
N GLU B 39 -10.68 9.74 4.22
CA GLU B 39 -10.69 10.27 5.58
C GLU B 39 -11.33 11.63 5.70
N LYS B 40 -11.27 12.49 4.66
CA LYS B 40 -11.75 13.86 4.80
C LYS B 40 -12.80 14.30 3.79
N LEU B 41 -13.14 13.48 2.79
CA LEU B 41 -14.29 13.80 1.93
C LEU B 41 -15.55 13.44 2.69
N GLU B 42 -16.31 14.46 3.09
CA GLU B 42 -17.50 14.19 3.88
C GLU B 42 -18.78 14.52 3.11
N ALA B 43 -19.78 15.05 3.80
CA ALA B 43 -21.11 15.13 3.20
C ALA B 43 -21.18 16.24 2.16
N GLY B 44 -22.12 16.09 1.22
CA GLY B 44 -22.42 17.10 0.24
C GLY B 44 -22.07 16.65 -1.17
N LYS B 45 -22.16 17.60 -2.09
CA LYS B 45 -21.84 17.28 -3.48
C LYS B 45 -20.33 17.12 -3.62
N PHE B 46 -19.91 15.91 -4.01
CA PHE B 46 -18.49 15.59 -3.96
C PHE B 46 -17.68 16.37 -4.99
N GLU B 47 -18.28 16.64 -6.15
CA GLU B 47 -17.56 17.38 -7.20
C GLU B 47 -17.07 18.72 -6.67
N ASP B 48 -17.95 19.49 -6.03
CA ASP B 48 -17.53 20.77 -5.47
C ASP B 48 -16.51 20.59 -4.34
N LYS B 49 -16.71 19.61 -3.46
CA LYS B 49 -15.79 19.41 -2.34
C LYS B 49 -14.41 18.99 -2.82
N LEU B 50 -14.36 18.06 -3.79
CA LEU B 50 -13.06 17.64 -4.32
C LEU B 50 -12.29 18.82 -4.89
N ILE B 51 -12.96 19.67 -5.68
CA ILE B 51 -12.28 20.80 -6.28
C ILE B 51 -11.81 21.79 -5.22
N GLN B 52 -12.67 22.09 -4.24
CA GLN B 52 -12.25 23.02 -3.18
C GLN B 52 -11.10 22.43 -2.39
N SER B 53 -11.08 21.10 -2.21
CA SER B 53 -9.99 20.51 -1.45
C SER B 53 -8.68 20.57 -2.22
N VAL B 54 -8.73 20.40 -3.54
CA VAL B 54 -7.50 20.58 -4.32
C VAL B 54 -7.03 22.02 -4.22
N MET B 55 -7.95 22.98 -4.35
CA MET B 55 -7.57 24.40 -4.28
C MET B 55 -6.99 24.75 -2.93
N GLY B 56 -7.45 24.09 -1.87
CA GLY B 56 -7.06 24.50 -0.52
C GLY B 56 -5.64 24.12 -0.14
N ALA B 57 -5.12 23.06 -0.74
CA ALA B 57 -3.84 22.50 -0.32
C ALA B 57 -2.71 23.05 -1.18
N ARG B 58 -1.65 23.54 -0.53
CA ARG B 58 -0.48 24.00 -1.27
C ARG B 58 0.10 22.89 -2.12
N ASN B 59 0.12 21.68 -1.59
CA ASN B 59 0.81 20.56 -2.21
C ASN B 59 -0.19 19.60 -2.82
N PHE B 60 0.13 19.08 -4.00
CA PHE B 60 -0.73 18.11 -4.72
C PHE B 60 0.14 16.87 -4.97
N VAL B 61 -0.05 15.83 -4.18
CA VAL B 61 0.74 14.61 -4.30
C VAL B 61 -0.01 13.64 -5.19
N LEU B 62 0.54 13.33 -6.36
CA LEU B 62 -0.14 12.53 -7.36
C LEU B 62 0.44 11.12 -7.35
N VAL B 63 -0.37 10.13 -7.01
CA VAL B 63 0.12 8.76 -6.86
C VAL B 63 -0.03 8.08 -8.21
N LEU B 64 1.10 7.81 -8.85
CA LEU B 64 1.12 7.20 -10.18
C LEU B 64 1.48 5.72 -10.03
N SER B 65 0.45 4.92 -9.73
CA SER B 65 0.50 3.48 -9.80
C SER B 65 0.33 3.02 -11.25
N PRO B 66 0.66 1.76 -11.56
CA PRO B 66 0.59 1.34 -12.97
C PRO B 66 -0.79 1.54 -13.56
N GLY B 67 -0.85 2.15 -14.73
CA GLY B 67 -2.12 2.42 -15.37
C GLY B 67 -2.92 3.55 -14.76
N ALA B 68 -2.32 4.34 -13.87
CA ALA B 68 -3.11 5.31 -13.11
C ALA B 68 -3.75 6.36 -14.01
N LEU B 69 -3.18 6.63 -15.18
CA LEU B 69 -3.76 7.66 -16.04
C LEU B 69 -4.52 7.07 -17.23
N ASP B 70 -4.75 5.75 -17.23
CA ASP B 70 -5.42 5.10 -18.36
C ASP B 70 -6.82 5.67 -18.58
N LYS B 71 -7.58 5.84 -17.50
CA LYS B 71 -8.93 6.38 -17.60
C LYS B 71 -8.93 7.87 -17.97
N CYS B 72 -7.78 8.54 -17.91
CA CYS B 72 -7.69 9.92 -18.38
C CYS B 72 -7.59 10.01 -19.90
N MET B 73 -7.16 8.94 -20.56
CA MET B 73 -6.91 9.05 -21.99
C MET B 73 -8.21 9.14 -22.75
N GLN B 74 -8.25 10.06 -23.72
CA GLN B 74 -9.44 10.38 -24.51
C GLN B 74 -10.61 10.86 -23.65
N ASP B 75 -10.34 11.25 -22.41
CA ASP B 75 -11.37 11.79 -21.52
C ASP B 75 -11.48 13.30 -21.73
N HIS B 76 -11.80 13.68 -22.97
CA HIS B 76 -11.72 15.08 -23.35
C HIS B 76 -12.83 15.92 -22.72
N ASP B 77 -13.92 15.29 -22.31
CA ASP B 77 -15.00 15.92 -21.55
C ASP B 77 -14.69 16.05 -20.06
N CYS B 78 -13.51 15.58 -19.63
CA CYS B 78 -13.00 15.77 -18.27
C CYS B 78 -13.98 15.24 -17.22
N LYS B 79 -14.43 14.00 -17.42
CA LYS B 79 -15.29 13.34 -16.45
C LYS B 79 -14.53 12.42 -15.51
N ASP B 80 -13.29 12.06 -15.83
CA ASP B 80 -12.52 11.23 -14.91
C ASP B 80 -12.03 12.07 -13.73
N TRP B 81 -12.15 11.53 -12.51
CA TRP B 81 -11.89 12.37 -11.34
C TRP B 81 -10.41 12.63 -11.10
N VAL B 82 -9.52 11.68 -11.42
CA VAL B 82 -8.10 12.00 -11.37
C VAL B 82 -7.75 13.08 -12.39
N HIS B 83 -8.29 12.95 -13.60
CA HIS B 83 -8.15 14.00 -14.61
C HIS B 83 -8.60 15.35 -14.06
N LYS B 84 -9.79 15.40 -13.44
CA LYS B 84 -10.30 16.65 -12.88
C LYS B 84 -9.36 17.21 -11.83
N GLU B 85 -8.89 16.34 -10.94
CA GLU B 85 -8.00 16.79 -9.87
C GLU B 85 -6.71 17.36 -10.42
N ILE B 86 -6.13 16.70 -11.43
CA ILE B 86 -4.90 17.21 -12.04
C ILE B 86 -5.14 18.57 -12.70
N VAL B 87 -6.25 18.73 -13.43
CA VAL B 87 -6.49 20.01 -14.10
C VAL B 87 -6.59 21.14 -13.07
N THR B 88 -7.25 20.87 -11.94
CA THR B 88 -7.38 21.89 -10.90
C THR B 88 -6.02 22.27 -10.35
N ALA B 89 -5.21 21.27 -10.02
CA ALA B 89 -3.87 21.53 -9.49
C ALA B 89 -3.05 22.32 -10.50
N LEU B 90 -3.13 21.97 -11.78
CA LEU B 90 -2.37 22.69 -12.78
C LEU B 90 -2.83 24.13 -12.88
N SER B 91 -4.16 24.34 -12.90
N SER B 91 -4.14 24.36 -12.89
CA SER B 91 -4.70 25.69 -13.08
CA SER B 91 -4.65 25.71 -13.10
C SER B 91 -4.37 26.58 -11.89
C SER B 91 -4.43 26.61 -11.88
N CYS B 92 -4.42 26.04 -10.68
CA CYS B 92 -4.09 26.79 -9.48
C CYS B 92 -2.60 26.94 -9.24
N GLY B 93 -1.75 26.36 -10.08
CA GLY B 93 -0.31 26.47 -9.85
C GLY B 93 0.16 25.78 -8.59
N LYS B 94 -0.45 24.66 -8.23
CA LYS B 94 -0.05 23.95 -7.02
C LYS B 94 1.33 23.33 -7.19
N ASN B 95 1.97 23.06 -6.04
CA ASN B 95 3.18 22.26 -5.98
C ASN B 95 2.82 20.81 -6.24
N ILE B 96 2.85 20.40 -7.49
CA ILE B 96 2.52 19.03 -7.89
C ILE B 96 3.73 18.14 -7.67
N VAL B 97 3.54 17.07 -6.91
CA VAL B 97 4.63 16.13 -6.60
C VAL B 97 4.20 14.73 -7.03
N PRO B 98 4.56 14.31 -8.24
CA PRO B 98 4.21 12.95 -8.69
C PRO B 98 5.04 11.91 -7.96
N ILE B 99 4.38 10.81 -7.58
CA ILE B 99 5.01 9.67 -6.93
C ILE B 99 4.89 8.48 -7.86
N ILE B 100 6.02 7.96 -8.32
CA ILE B 100 6.07 6.97 -9.38
C ILE B 100 6.23 5.59 -8.75
N ASP B 101 5.26 4.71 -8.96
CA ASP B 101 5.31 3.35 -8.39
C ASP B 101 5.00 2.36 -9.52
N GLY B 102 6.02 2.07 -10.33
CA GLY B 102 5.84 1.14 -11.43
C GLY B 102 5.04 1.71 -12.58
N PHE B 103 5.03 3.03 -12.72
CA PHE B 103 4.23 3.71 -13.72
C PHE B 103 5.08 3.88 -14.98
N GLU B 104 4.50 3.54 -16.13
CA GLU B 104 5.11 3.79 -17.43
C GLU B 104 4.71 5.19 -17.89
N TRP B 105 5.69 6.10 -18.04
CA TRP B 105 5.37 7.46 -18.45
C TRP B 105 4.74 7.44 -19.84
N PRO B 106 3.58 8.07 -20.02
CA PRO B 106 2.98 8.13 -21.35
C PRO B 106 3.56 9.28 -22.16
N GLU B 107 3.51 9.13 -23.48
CA GLU B 107 3.83 10.25 -24.34
C GLU B 107 2.72 11.30 -24.20
N PRO B 108 3.06 12.59 -24.20
CA PRO B 108 2.03 13.61 -23.94
C PRO B 108 0.85 13.55 -24.88
N GLN B 109 1.06 13.13 -26.14
CA GLN B 109 -0.01 13.15 -27.13
C GLN B 109 -1.14 12.18 -26.81
N VAL B 110 -0.93 11.22 -25.92
CA VAL B 110 -2.03 10.32 -25.58
C VAL B 110 -2.94 10.90 -24.50
N LEU B 111 -2.55 12.04 -23.88
CA LEU B 111 -3.37 12.65 -22.82
C LEU B 111 -4.10 13.86 -23.34
N PRO B 112 -5.27 14.18 -22.75
CA PRO B 112 -5.94 15.43 -23.09
C PRO B 112 -5.02 16.62 -22.91
N GLU B 113 -5.21 17.62 -23.76
CA GLU B 113 -4.35 18.79 -23.75
C GLU B 113 -4.26 19.42 -22.36
N ASP B 114 -5.38 19.47 -21.64
CA ASP B 114 -5.44 20.23 -20.40
C ASP B 114 -4.67 19.58 -19.26
N MET B 115 -4.13 18.38 -19.43
CA MET B 115 -3.34 17.77 -18.37
C MET B 115 -1.96 17.33 -18.83
N GLN B 116 -1.58 17.60 -20.08
CA GLN B 116 -0.26 17.19 -20.55
C GLN B 116 0.85 17.84 -19.75
N ALA B 117 0.58 19.02 -19.17
CA ALA B 117 1.62 19.70 -18.38
C ALA B 117 2.04 18.92 -17.14
N VAL B 118 1.25 17.94 -16.68
CA VAL B 118 1.67 17.20 -15.48
C VAL B 118 3.00 16.49 -15.71
N LEU B 119 3.34 16.22 -16.97
CA LEU B 119 4.59 15.56 -17.32
C LEU B 119 5.80 16.48 -17.18
N THR B 120 5.61 17.76 -16.85
CA THR B 120 6.71 18.68 -16.70
C THR B 120 7.19 18.81 -15.26
N PHE B 121 6.62 18.08 -14.32
CA PHE B 121 6.99 18.21 -12.92
C PHE B 121 7.92 17.07 -12.54
N ASN B 122 8.91 17.39 -11.71
CA ASN B 122 9.85 16.37 -11.28
C ASN B 122 9.17 15.40 -10.32
N GLY B 123 9.29 14.11 -10.61
CA GLY B 123 8.66 13.08 -9.82
C GLY B 123 9.62 12.37 -8.87
N ILE B 124 9.05 11.66 -7.92
CA ILE B 124 9.78 10.87 -6.93
C ILE B 124 9.48 9.41 -7.15
N LYS B 125 10.54 8.59 -7.25
CA LYS B 125 10.38 7.15 -7.42
C LYS B 125 10.15 6.49 -6.06
N TRP B 126 9.05 5.76 -5.94
CA TRP B 126 8.78 5.03 -4.70
C TRP B 126 9.71 3.83 -4.64
N SER B 127 10.53 3.72 -3.60
CA SER B 127 11.44 2.58 -3.44
C SER B 127 10.93 1.70 -2.31
N HIS B 128 10.47 0.49 -2.64
CA HIS B 128 10.07 -0.47 -1.60
C HIS B 128 11.22 -0.77 -0.66
N GLU B 129 12.45 -0.79 -1.18
CA GLU B 129 13.62 -1.11 -0.35
C GLU B 129 14.08 0.03 0.53
N TYR B 130 13.80 1.28 0.16
CA TYR B 130 14.29 2.44 0.90
C TYR B 130 13.13 3.42 1.10
N GLN B 131 12.14 2.97 1.86
CA GLN B 131 10.91 3.75 2.02
C GLN B 131 11.11 4.94 2.94
N GLU B 132 11.93 4.80 3.98
CA GLU B 132 12.20 5.95 4.82
C GLU B 132 12.85 7.07 4.00
N ALA B 133 13.79 6.70 3.13
CA ALA B 133 14.45 7.69 2.29
C ALA B 133 13.49 8.29 1.26
N THR B 134 12.61 7.47 0.67
CA THR B 134 11.59 8.02 -0.21
C THR B 134 10.76 9.05 0.53
N ILE B 135 10.30 8.70 1.73
CA ILE B 135 9.50 9.62 2.53
C ILE B 135 10.27 10.91 2.79
N GLU B 136 11.56 10.81 3.11
CA GLU B 136 12.33 12.02 3.38
C GLU B 136 12.45 12.91 2.14
N LYS B 137 12.57 12.31 0.95
CA LYS B 137 12.63 13.08 -0.29
C LYS B 137 11.30 13.76 -0.59
N ILE B 138 10.19 13.05 -0.35
CA ILE B 138 8.87 13.67 -0.50
C ILE B 138 8.73 14.88 0.42
N ILE B 139 9.17 14.75 1.67
CA ILE B 139 9.04 15.86 2.60
C ILE B 139 9.87 17.04 2.14
N ARG B 140 11.06 16.78 1.60
CA ARG B 140 11.87 17.84 1.02
C ARG B 140 11.16 18.52 -0.15
N PHE B 141 10.31 17.79 -0.89
CA PHE B 141 9.57 18.37 -2.00
C PHE B 141 8.37 19.18 -1.55
N LEU B 142 7.83 18.90 -0.36
CA LEU B 142 6.64 19.62 0.11
C LEU B 142 7.00 21.04 0.54
N GLN B 143 6.04 21.95 0.35
CA GLN B 143 6.18 23.36 0.73
C GLN B 143 5.40 23.67 2.01
#